data_4WI8
#
_entry.id   4WI8
#
_cell.length_a   49.109
_cell.length_b   79.298
_cell.length_c   136.341
_cell.angle_alpha   90.00
_cell.angle_beta   90.00
_cell.angle_gamma   90.00
#
_symmetry.space_group_name_H-M   'P 21 21 21'
#
loop_
_entity.id
_entity.type
_entity.pdbx_description
1 polymer 'Ig gamma-1 chain C region'
2 branched 2-acetamido-2-deoxy-beta-D-glucopyranose-(1-2)-alpha-D-mannopyranose-(1-3)-[2-acetamido-2-deoxy-beta-D-glucopyranose-(1-2)-alpha-D-mannopyranose-(1-6)]beta-D-mannopyranose-(1-4)-2-acetamido-2-deoxy-beta-D-glucopyranose-(1-4)-[alpha-L-fucopyranose-(1-6)]2-acetamido-2-deoxy-beta-D-glucopyranose
3 branched 2-acetamido-2-deoxy-beta-D-glucopyranose-(1-2)-alpha-D-mannopyranose-(1-3)-beta-D-mannopyranose-(1-4)-2-acetamido-2-deoxy-beta-D-glucopyranose-(1-4)-[alpha-L-fucopyranose-(1-6)]2-acetamido-2-deoxy-beta-D-glucopyranose
4 branched 2-acetamido-2-deoxy-beta-D-glucopyranose-(1-2)-beta-D-mannopyranose
5 water water
#
_entity_poly.entity_id   1
_entity_poly.type   'polypeptide(L)'
_entity_poly.pdbx_seq_one_letter_code
;GPSVFLFPPKPKDTLMISRTPEVTCVVVDVSHEDPEVKFNWYVDGVEVHNAKTKPREEQYNSTYRVVSVLTVLHQDWLNG
KEYKCKVSNKALPAPIEKTISKAKGQPREPQVYTLPPSRDELTKNQVSLTCLVKGFYPSDIAVEWESNGQPENNYKTTPP
VLDSDGSFFLYSKLTVDKSRWQQGNVFSCSVMHEALHNHATQKSLSLS
;
_entity_poly.pdbx_strand_id   A,B
#
loop_
_chem_comp.id
_chem_comp.type
_chem_comp.name
_chem_comp.formula
BMA D-saccharide, beta linking beta-D-mannopyranose 'C6 H12 O6'
FUC L-saccharide, alpha linking alpha-L-fucopyranose 'C6 H12 O5'
MAN D-saccharide, alpha linking alpha-D-mannopyranose 'C6 H12 O6'
NAG D-saccharide, beta linking 2-acetamido-2-deoxy-beta-D-glucopyranose 'C8 H15 N O6'
#
# COMPACT_ATOMS: atom_id res chain seq x y z
N GLY A 1 8.30 27.30 12.46
CA GLY A 1 6.91 27.19 12.05
C GLY A 1 6.28 25.83 12.34
N PRO A 2 5.06 25.84 12.95
CA PRO A 2 4.31 24.63 13.30
C PRO A 2 3.64 23.96 12.10
N SER A 3 3.39 22.67 12.22
CA SER A 3 2.74 21.91 11.17
C SER A 3 1.35 21.47 11.64
N VAL A 4 0.42 21.34 10.68
CA VAL A 4 -0.93 20.85 10.99
C VAL A 4 -1.30 19.58 10.21
N PHE A 5 -1.95 18.65 10.90
CA PHE A 5 -2.43 17.43 10.28
C PHE A 5 -3.93 17.21 10.49
N LEU A 6 -4.61 16.69 9.47
CA LEU A 6 -6.05 16.51 9.50
C LEU A 6 -6.40 15.09 9.12
N PHE A 7 -6.94 14.35 10.09
CA PHE A 7 -7.21 12.93 9.89
C PHE A 7 -8.70 12.68 9.83
N PRO A 8 -9.13 11.91 8.83
CA PRO A 8 -10.54 11.54 8.62
C PRO A 8 -10.90 10.47 9.61
N PRO A 9 -12.20 10.17 9.70
CA PRO A 9 -12.59 9.05 10.56
C PRO A 9 -12.21 7.70 9.94
N LYS A 10 -12.22 6.66 10.75
CA LYS A 10 -12.07 5.33 10.20
C LYS A 10 -13.31 5.04 9.37
N PRO A 11 -13.15 4.23 8.32
CA PRO A 11 -14.29 3.75 7.51
C PRO A 11 -15.40 3.10 8.34
N LYS A 12 -15.04 2.18 9.23
CA LYS A 12 -16.03 1.48 10.06
C LYS A 12 -16.90 2.48 10.87
N ASP A 13 -16.27 3.54 11.36
CA ASP A 13 -16.91 4.65 12.09
C ASP A 13 -18.04 5.35 11.35
N THR A 14 -17.91 5.47 10.04
CA THR A 14 -18.88 6.19 9.24
C THR A 14 -19.90 5.26 8.61
N LEU A 15 -19.79 3.96 8.86
CA LEU A 15 -20.69 3.00 8.26
C LEU A 15 -21.58 2.37 9.31
N MET A 16 -21.20 2.58 10.56
CA MET A 16 -21.93 1.98 11.68
C MET A 16 -22.53 3.03 12.62
N ILE A 17 -23.86 3.03 12.68
CA ILE A 17 -24.58 3.87 13.61
C ILE A 17 -24.05 3.67 15.03
N SER A 18 -23.61 2.44 15.28
CA SER A 18 -23.11 1.97 16.55
C SER A 18 -21.82 2.68 16.91
N ARG A 19 -21.16 3.28 15.92
CA ARG A 19 -19.87 3.94 16.17
C ARG A 19 -19.97 5.46 16.06
N THR A 20 -18.93 6.15 16.48
CA THR A 20 -18.91 7.60 16.37
C THR A 20 -17.74 8.06 15.54
N PRO A 21 -18.03 8.54 14.32
CA PRO A 21 -17.01 9.04 13.38
C PRO A 21 -16.52 10.40 13.84
N GLU A 22 -15.26 10.69 13.60
CA GLU A 22 -14.78 12.02 13.94
C GLU A 22 -13.57 12.46 13.12
N VAL A 23 -13.41 13.77 13.03
CA VAL A 23 -12.29 14.38 12.35
C VAL A 23 -11.36 14.94 13.40
N THR A 24 -10.08 14.60 13.29
CA THR A 24 -9.08 14.98 14.25
C THR A 24 -7.99 15.85 13.65
N CYS A 25 -7.83 17.04 14.22
CA CYS A 25 -6.86 17.99 13.73
C CYS A 25 -5.67 18.09 14.69
N VAL A 26 -4.51 17.57 14.27
CA VAL A 26 -3.35 17.62 15.12
C VAL A 26 -2.38 18.70 14.71
N VAL A 27 -1.84 19.40 15.69
CA VAL A 27 -0.91 20.49 15.46
C VAL A 27 0.37 20.24 16.24
N VAL A 28 1.44 19.92 15.53
CA VAL A 28 2.72 19.73 16.20
C VAL A 28 3.64 20.92 16.03
N ASP A 29 4.76 20.86 16.73
CA ASP A 29 5.81 21.87 16.63
C ASP A 29 5.29 23.27 16.99
N VAL A 30 4.53 23.33 18.08
CA VAL A 30 4.11 24.61 18.64
C VAL A 30 5.17 25.09 19.61
N SER A 31 5.70 26.28 19.32
CA SER A 31 6.78 26.87 20.10
C SER A 31 6.48 27.00 21.58
N HIS A 32 7.53 27.15 22.36
CA HIS A 32 7.36 27.38 23.78
C HIS A 32 7.26 28.88 24.02
N GLU A 33 7.73 29.63 23.05
CA GLU A 33 7.73 31.09 23.14
C GLU A 33 6.34 31.67 22.78
N ASP A 34 5.78 31.20 21.67
CA ASP A 34 4.45 31.62 21.21
C ASP A 34 3.52 30.42 21.21
N PRO A 35 3.09 29.97 22.40
CA PRO A 35 2.47 28.67 22.63
C PRO A 35 0.95 28.54 22.43
N GLU A 36 0.17 29.61 22.58
CA GLU A 36 -1.30 29.51 22.49
C GLU A 36 -1.82 29.37 21.05
N VAL A 37 -2.56 28.29 20.79
CA VAL A 37 -3.14 28.08 19.46
C VAL A 37 -4.67 28.04 19.51
N LYS A 38 -5.30 28.25 18.37
CA LYS A 38 -6.76 28.34 18.32
C LYS A 38 -7.37 27.65 17.10
N PHE A 39 -8.28 26.71 17.36
CA PHE A 39 -8.98 26.01 16.29
C PHE A 39 -10.32 26.66 15.97
N ASN A 40 -10.53 26.98 14.69
CA ASN A 40 -11.85 27.34 14.19
C ASN A 40 -12.26 26.29 13.19
N TRP A 41 -13.44 25.73 13.37
CA TRP A 41 -13.89 24.62 12.54
C TRP A 41 -15.01 25.00 11.57
N TYR A 42 -14.88 24.55 10.33
CA TYR A 42 -15.89 24.81 9.33
C TYR A 42 -16.33 23.53 8.64
N VAL A 43 -17.61 23.46 8.34
CA VAL A 43 -18.18 22.29 7.68
C VAL A 43 -18.94 22.80 6.46
N ASP A 44 -18.40 22.55 5.27
CA ASP A 44 -18.92 23.15 4.05
C ASP A 44 -18.92 24.69 4.18
N GLY A 45 -17.90 25.23 4.84
CA GLY A 45 -17.75 26.66 5.01
C GLY A 45 -18.52 27.29 6.17
N VAL A 46 -19.31 26.49 6.88
CA VAL A 46 -20.10 27.00 7.99
C VAL A 46 -19.39 26.67 9.28
N GLU A 47 -19.16 27.68 10.11
CA GLU A 47 -18.48 27.42 11.36
C GLU A 47 -19.35 26.59 12.28
N VAL A 48 -18.73 25.65 12.97
CA VAL A 48 -19.40 24.82 13.97
C VAL A 48 -18.61 24.96 15.26
N HIS A 49 -19.22 24.58 16.37
CA HIS A 49 -18.64 24.89 17.68
C HIS A 49 -18.65 23.70 18.64
N ASN A 50 -19.15 22.56 18.14
CA ASN A 50 -19.14 21.32 18.91
C ASN A 50 -17.75 20.66 19.01
N ALA A 51 -16.75 21.30 18.41
CA ALA A 51 -15.40 20.75 18.43
C ALA A 51 -14.82 20.72 19.83
N LYS A 52 -14.25 19.57 20.21
CA LYS A 52 -13.61 19.42 21.50
C LYS A 52 -12.09 19.51 21.38
N THR A 53 -11.48 20.36 22.21
CA THR A 53 -10.06 20.63 22.10
C THR A 53 -9.29 20.18 23.32
N LYS A 54 -8.64 19.03 23.20
CA LYS A 54 -7.91 18.45 24.30
C LYS A 54 -6.80 19.37 24.73
N PRO A 55 -6.41 19.31 26.03
CA PRO A 55 -5.36 20.14 26.63
C PRO A 55 -3.96 19.91 26.01
N ARG A 56 -3.23 21.01 25.81
CA ARG A 56 -1.88 20.97 25.27
C ARG A 56 -1.05 19.93 26.02
N GLU A 57 -0.07 19.39 25.32
CA GLU A 57 0.72 18.29 25.84
C GLU A 57 2.19 18.52 25.47
N GLU A 58 3.03 18.83 26.46
CA GLU A 58 4.42 19.09 26.14
C GLU A 58 5.14 17.83 25.75
N GLN A 59 5.78 17.87 24.59
CA GLN A 59 6.46 16.72 24.04
C GLN A 59 7.90 16.70 24.51
N TYR A 60 8.46 15.50 24.59
CA TYR A 60 9.87 15.30 24.98
C TYR A 60 10.86 15.92 24.00
N ASN A 61 10.37 16.66 23.01
CA ASN A 61 11.26 17.41 22.15
C ASN A 61 11.08 18.91 22.29
N SER A 62 10.66 19.34 23.48
CA SER A 62 10.53 20.76 23.80
C SER A 62 9.42 21.54 23.03
N THR A 63 8.72 20.85 22.13
CA THR A 63 7.59 21.44 21.42
C THR A 63 6.26 20.99 22.05
N TYR A 64 5.18 21.70 21.75
CA TYR A 64 3.85 21.34 22.23
C TYR A 64 3.02 20.63 21.16
N ARG A 65 2.05 19.85 21.61
CA ARG A 65 1.11 19.21 20.70
C ARG A 65 -0.33 19.34 21.19
N VAL A 66 -1.16 20.08 20.45
CA VAL A 66 -2.56 20.24 20.79
C VAL A 66 -3.43 19.48 19.81
N VAL A 67 -4.52 18.90 20.29
CA VAL A 67 -5.44 18.18 19.43
C VAL A 67 -6.86 18.75 19.52
N SER A 68 -7.51 18.90 18.38
CA SER A 68 -8.95 19.23 18.33
C SER A 68 -9.74 18.14 17.63
N VAL A 69 -10.80 17.68 18.28
CA VAL A 69 -11.65 16.62 17.73
C VAL A 69 -13.06 17.12 17.48
N LEU A 70 -13.53 16.93 16.24
CA LEU A 70 -14.88 17.31 15.86
C LEU A 70 -15.71 16.09 15.51
N THR A 71 -16.85 15.98 16.15
CA THR A 71 -17.76 14.89 15.89
C THR A 71 -18.69 15.21 14.70
N VAL A 72 -18.69 14.32 13.72
CA VAL A 72 -19.39 14.57 12.50
C VAL A 72 -20.56 13.61 12.42
N LEU A 73 -21.57 13.95 11.63
CA LEU A 73 -22.67 13.04 11.41
C LEU A 73 -22.37 12.04 10.29
N HIS A 74 -22.94 10.85 10.43
CA HIS A 74 -22.61 9.77 9.53
C HIS A 74 -22.98 10.14 8.11
N GLN A 75 -24.25 10.51 7.90
CA GLN A 75 -24.69 10.96 6.59
C GLN A 75 -23.93 12.20 6.11
N ASP A 76 -23.52 13.07 7.04
CA ASP A 76 -22.76 14.28 6.68
C ASP A 76 -21.45 13.95 5.98
N TRP A 77 -20.73 12.98 6.54
CA TRP A 77 -19.48 12.52 5.96
C TRP A 77 -19.75 11.77 4.67
N LEU A 78 -20.80 10.98 4.68
CA LEU A 78 -21.13 10.17 3.51
C LEU A 78 -21.62 11.04 2.37
N ASN A 79 -22.29 12.15 2.71
CA ASN A 79 -22.79 13.02 1.69
C ASN A 79 -21.68 13.94 1.23
N GLY A 80 -20.47 13.64 1.68
CA GLY A 80 -19.28 14.22 1.09
C GLY A 80 -19.08 15.68 1.39
N LYS A 81 -19.27 16.05 2.66
CA LYS A 81 -19.08 17.44 3.10
C LYS A 81 -17.61 17.72 3.41
N GLU A 82 -17.18 18.96 3.16
CA GLU A 82 -15.82 19.35 3.50
C GLU A 82 -15.73 19.83 4.94
N TYR A 83 -14.73 19.35 5.65
CA TYR A 83 -14.46 19.82 7.00
C TYR A 83 -13.17 20.60 6.95
N LYS A 84 -13.23 21.88 7.35
CA LYS A 84 -12.04 22.74 7.37
C LYS A 84 -11.57 22.94 8.79
N CYS A 85 -10.26 22.93 8.97
CA CYS A 85 -9.61 23.15 10.24
C CYS A 85 -8.77 24.42 10.12
N LYS A 86 -9.18 25.49 10.79
CA LYS A 86 -8.39 26.72 10.79
C LYS A 86 -7.65 26.91 12.11
N VAL A 87 -6.32 26.74 12.05
CA VAL A 87 -5.46 26.82 13.21
C VAL A 87 -4.76 28.17 13.31
N SER A 88 -4.78 28.78 14.49
CA SER A 88 -4.33 30.17 14.65
C SER A 88 -3.12 30.34 15.57
N ASN A 89 -2.31 31.35 15.29
CA ASN A 89 -1.12 31.62 16.09
C ASN A 89 -0.62 33.00 15.74
N LYS A 90 0.23 33.58 16.59
CA LYS A 90 0.94 34.82 16.26
C LYS A 90 2.27 34.48 15.57
N ALA A 91 2.81 33.32 15.92
CA ALA A 91 4.04 32.82 15.29
C ALA A 91 3.80 32.52 13.82
N LEU A 92 2.54 32.47 13.44
CA LEU A 92 2.15 32.31 12.04
C LEU A 92 1.74 33.66 11.45
N PRO A 93 2.21 33.94 10.22
CA PRO A 93 1.88 35.18 9.51
C PRO A 93 0.40 35.25 9.16
N ALA A 94 -0.15 34.07 8.85
CA ALA A 94 -1.56 33.87 8.57
C ALA A 94 -1.90 32.51 9.16
N PRO A 95 -3.21 32.23 9.40
CA PRO A 95 -3.53 30.94 10.00
C PRO A 95 -3.21 29.83 9.05
N ILE A 96 -3.41 28.59 9.47
CA ILE A 96 -3.19 27.45 8.61
C ILE A 96 -4.52 26.75 8.45
N GLU A 97 -4.94 26.55 7.21
CA GLU A 97 -6.17 25.81 6.97
C GLU A 97 -5.88 24.43 6.40
N LYS A 98 -6.72 23.48 6.77
CA LYS A 98 -6.64 22.14 6.23
C LYS A 98 -8.08 21.73 6.01
N THR A 99 -8.34 21.02 4.93
CA THR A 99 -9.72 20.68 4.60
C THR A 99 -9.78 19.23 4.19
N ILE A 100 -10.87 18.56 4.53
CA ILE A 100 -10.94 17.13 4.26
C ILE A 100 -12.38 16.70 4.01
N SER A 101 -12.57 15.60 3.27
CA SER A 101 -13.89 15.16 2.83
C SER A 101 -13.84 13.72 2.34
N LYS A 102 -14.99 13.10 2.10
CA LYS A 102 -14.98 11.78 1.49
C LYS A 102 -14.46 11.87 0.04
N ALA A 103 -13.84 10.80 -0.45
CA ALA A 103 -13.51 10.68 -1.86
C ALA A 103 -14.74 10.94 -2.73
N LYS A 104 -14.68 12.07 -3.44
CA LYS A 104 -15.71 12.45 -4.37
C LYS A 104 -15.57 11.47 -5.53
N GLY A 105 -16.68 11.06 -6.14
CA GLY A 105 -16.64 10.02 -7.13
C GLY A 105 -17.80 9.09 -6.93
N GLN A 106 -18.38 8.63 -8.01
CA GLN A 106 -19.59 7.85 -7.91
C GLN A 106 -19.25 6.52 -7.21
N PRO A 107 -19.97 6.21 -6.11
CA PRO A 107 -19.68 4.99 -5.34
C PRO A 107 -20.01 3.72 -6.12
N ARG A 108 -19.32 2.62 -5.80
CA ARG A 108 -19.49 1.35 -6.50
C ARG A 108 -19.60 0.24 -5.47
N GLU A 109 -20.57 -0.63 -5.66
CA GLU A 109 -20.79 -1.78 -4.77
C GLU A 109 -19.74 -2.89 -4.99
N PRO A 110 -19.03 -3.28 -3.93
CA PRO A 110 -18.00 -4.33 -3.95
C PRO A 110 -18.59 -5.67 -4.35
N GLN A 111 -17.98 -6.36 -5.30
CA GLN A 111 -18.34 -7.75 -5.56
C GLN A 111 -17.41 -8.56 -4.68
N VAL A 112 -17.96 -9.49 -3.92
CA VAL A 112 -17.20 -10.31 -2.97
C VAL A 112 -17.27 -11.81 -3.29
N TYR A 113 -16.14 -12.40 -3.64
CA TYR A 113 -16.08 -13.82 -3.94
C TYR A 113 -15.09 -14.48 -3.02
N THR A 114 -15.45 -15.66 -2.51
CA THR A 114 -14.53 -16.40 -1.67
C THR A 114 -14.03 -17.62 -2.42
N LEU A 115 -12.70 -17.80 -2.40
CA LEU A 115 -12.03 -18.87 -3.12
C LEU A 115 -11.31 -19.80 -2.16
N PRO A 116 -11.57 -21.12 -2.25
CA PRO A 116 -10.92 -22.17 -1.44
C PRO A 116 -9.43 -22.25 -1.70
N PRO A 117 -8.68 -23.04 -0.91
CA PRO A 117 -7.24 -23.17 -1.15
C PRO A 117 -6.95 -23.98 -2.41
N SER A 118 -5.79 -23.71 -3.02
CA SER A 118 -5.26 -24.58 -4.07
C SER A 118 -5.17 -26.01 -3.53
N ARG A 119 -5.41 -26.98 -4.41
CA ARG A 119 -5.24 -28.38 -4.04
C ARG A 119 -3.79 -28.63 -3.62
N ASP A 120 -2.86 -27.91 -4.24
CA ASP A 120 -1.45 -28.04 -3.94
C ASP A 120 -1.09 -27.55 -2.56
N GLU A 121 -2.04 -26.96 -1.86
CA GLU A 121 -1.76 -26.43 -0.53
C GLU A 121 -2.15 -27.38 0.59
N LEU A 122 -2.74 -28.51 0.24
CA LEU A 122 -3.19 -29.47 1.23
C LEU A 122 -2.06 -30.33 1.79
N THR A 123 -0.83 -30.07 1.34
CA THR A 123 0.33 -30.77 1.86
C THR A 123 0.80 -30.11 3.17
N LYS A 124 0.45 -28.84 3.33
CA LYS A 124 0.79 -28.07 4.52
C LYS A 124 -0.18 -28.37 5.67
N ASN A 125 0.18 -27.99 6.89
CA ASN A 125 -0.64 -28.25 8.08
C ASN A 125 -1.60 -27.11 8.37
N GLN A 126 -1.46 -26.05 7.57
CA GLN A 126 -2.39 -24.94 7.56
C GLN A 126 -2.74 -24.68 6.11
N VAL A 127 -3.82 -23.95 5.88
CA VAL A 127 -4.36 -23.80 4.55
C VAL A 127 -4.82 -22.35 4.38
N SER A 128 -4.98 -21.91 3.14
CA SER A 128 -5.27 -20.50 2.89
C SER A 128 -6.61 -20.25 2.21
N LEU A 129 -7.50 -19.58 2.95
CA LEU A 129 -8.82 -19.21 2.45
C LEU A 129 -8.83 -17.78 1.94
N THR A 130 -9.34 -17.59 0.72
CA THR A 130 -9.19 -16.31 0.03
C THR A 130 -10.50 -15.55 -0.20
N CYS A 131 -10.48 -14.26 0.10
CA CYS A 131 -11.61 -13.38 -0.20
C CYS A 131 -11.18 -12.35 -1.23
N LEU A 132 -11.81 -12.41 -2.40
CA LEU A 132 -11.66 -11.40 -3.44
C LEU A 132 -12.76 -10.39 -3.21
N VAL A 133 -12.37 -9.12 -3.18
CA VAL A 133 -13.37 -8.06 -3.04
C VAL A 133 -13.06 -7.01 -4.09
N LYS A 134 -13.87 -6.99 -5.15
CA LYS A 134 -13.49 -6.16 -6.29
C LYS A 134 -14.56 -5.21 -6.82
N GLY A 135 -14.10 -4.12 -7.42
CA GLY A 135 -14.99 -3.20 -8.08
C GLY A 135 -15.72 -2.28 -7.11
N PHE A 136 -14.99 -1.71 -6.16
CA PHE A 136 -15.61 -0.87 -5.17
C PHE A 136 -15.05 0.54 -5.25
N TYR A 137 -15.94 1.52 -5.10
CA TYR A 137 -15.57 2.90 -4.95
C TYR A 137 -16.50 3.53 -3.91
N PRO A 138 -15.98 4.38 -3.00
CA PRO A 138 -14.56 4.72 -2.83
C PRO A 138 -13.82 3.54 -2.20
N SER A 139 -12.56 3.78 -1.85
CA SER A 139 -11.66 2.69 -1.55
C SER A 139 -11.63 2.44 -0.05
N ASP A 140 -12.27 3.34 0.70
CA ASP A 140 -12.58 3.11 2.10
C ASP A 140 -13.43 1.84 2.26
N ILE A 141 -12.95 0.89 3.05
CA ILE A 141 -13.64 -0.37 3.15
C ILE A 141 -13.13 -1.10 4.37
N ALA A 142 -13.82 -2.16 4.78
CA ALA A 142 -13.40 -2.94 5.94
C ALA A 142 -13.74 -4.40 5.68
N VAL A 143 -12.83 -5.29 6.08
CA VAL A 143 -12.96 -6.72 5.79
C VAL A 143 -12.60 -7.54 7.02
N GLU A 144 -13.59 -8.19 7.60
CA GLU A 144 -13.35 -9.09 8.71
C GLU A 144 -13.60 -10.51 8.22
N TRP A 145 -12.86 -11.46 8.80
CA TRP A 145 -13.21 -12.88 8.70
C TRP A 145 -13.81 -13.36 10.02
N GLU A 146 -14.59 -14.43 9.94
CA GLU A 146 -15.21 -15.00 11.11
C GLU A 146 -15.69 -16.40 10.81
N SER A 147 -16.03 -17.13 11.87
CA SER A 147 -16.53 -18.49 11.73
C SER A 147 -17.47 -18.85 12.89
N ASN A 148 -18.69 -19.24 12.55
CA ASN A 148 -19.74 -19.53 13.53
C ASN A 148 -19.95 -18.30 14.42
N GLY A 149 -20.08 -17.14 13.78
CA GLY A 149 -20.33 -15.90 14.51
C GLY A 149 -19.19 -15.36 15.36
N GLN A 150 -18.19 -16.19 15.63
CA GLN A 150 -17.03 -15.71 16.37
C GLN A 150 -16.04 -15.14 15.38
N PRO A 151 -15.27 -14.11 15.79
CA PRO A 151 -14.16 -13.58 15.01
C PRO A 151 -13.20 -14.68 14.58
N GLU A 152 -12.53 -14.47 13.46
CA GLU A 152 -11.29 -15.17 13.25
C GLU A 152 -10.21 -14.22 13.72
N ASN A 153 -8.97 -14.53 13.42
CA ASN A 153 -7.89 -13.68 13.88
C ASN A 153 -6.79 -13.73 12.86
N ASN A 154 -6.27 -14.94 12.65
CA ASN A 154 -5.10 -15.15 11.83
C ASN A 154 -5.28 -14.74 10.35
N TYR A 155 -5.77 -13.52 10.10
CA TYR A 155 -5.89 -13.07 8.73
C TYR A 155 -5.07 -11.81 8.46
N LYS A 156 -4.75 -11.61 7.20
CA LYS A 156 -4.11 -10.37 6.76
C LYS A 156 -4.79 -9.92 5.49
N THR A 157 -4.98 -8.62 5.32
CA THR A 157 -5.66 -8.08 4.14
C THR A 157 -4.74 -7.10 3.40
N THR A 158 -4.82 -7.08 2.08
CA THR A 158 -3.98 -6.20 1.24
C THR A 158 -4.50 -4.77 1.34
N PRO A 159 -3.72 -3.78 0.88
CA PRO A 159 -4.31 -2.46 0.66
C PRO A 159 -5.28 -2.51 -0.50
N PRO A 160 -6.20 -1.55 -0.59
CA PRO A 160 -7.01 -1.54 -1.81
C PRO A 160 -6.17 -1.05 -2.99
N VAL A 161 -6.26 -1.79 -4.08
CA VAL A 161 -5.42 -1.53 -5.24
C VAL A 161 -6.28 -0.98 -6.35
N LEU A 162 -5.79 0.09 -6.98
CA LEU A 162 -6.51 0.71 -8.12
C LEU A 162 -6.56 -0.17 -9.36
N ASP A 163 -7.74 -0.68 -9.60
CA ASP A 163 -7.96 -1.56 -10.75
C ASP A 163 -8.13 -0.79 -12.10
N SER A 164 -8.02 -1.51 -13.22
CA SER A 164 -7.99 -0.86 -14.54
C SER A 164 -9.21 0.05 -14.82
N ASP A 165 -10.40 -0.43 -14.48
CA ASP A 165 -11.65 0.30 -14.71
C ASP A 165 -11.95 1.36 -13.67
N GLY A 166 -10.93 1.99 -13.10
CA GLY A 166 -11.15 3.01 -12.08
C GLY A 166 -11.66 2.59 -10.70
N SER A 167 -12.13 1.35 -10.54
CA SER A 167 -12.59 0.87 -9.22
C SER A 167 -11.44 0.28 -8.40
N PHE A 168 -11.74 -0.22 -7.20
CA PHE A 168 -10.70 -0.86 -6.37
C PHE A 168 -10.94 -2.32 -6.17
N PHE A 169 -9.85 -3.03 -5.91
CA PHE A 169 -9.92 -4.42 -5.47
C PHE A 169 -8.95 -4.66 -4.35
N LEU A 170 -9.24 -5.67 -3.54
CA LEU A 170 -8.28 -6.19 -2.57
C LEU A 170 -8.46 -7.68 -2.32
N TYR A 171 -7.49 -8.26 -1.61
CA TYR A 171 -7.58 -9.66 -1.22
C TYR A 171 -7.36 -9.75 0.27
N SER A 172 -8.15 -10.61 0.91
CA SER A 172 -7.93 -10.93 2.31
C SER A 172 -7.67 -12.44 2.42
N LYS A 173 -6.63 -12.80 3.15
CA LYS A 173 -6.22 -14.19 3.25
C LYS A 173 -6.38 -14.70 4.68
N LEU A 174 -7.29 -15.65 4.86
CA LEU A 174 -7.46 -16.27 6.15
C LEU A 174 -6.76 -17.62 6.16
N THR A 175 -6.03 -17.86 7.25
CA THR A 175 -5.16 -18.99 7.38
C THR A 175 -5.65 -19.87 8.52
N VAL A 176 -6.08 -21.08 8.17
CA VAL A 176 -6.66 -21.98 9.16
C VAL A 176 -5.92 -23.31 9.17
N ASP A 177 -6.01 -24.05 10.29
CA ASP A 177 -5.50 -25.42 10.35
C ASP A 177 -6.19 -26.28 9.31
N LYS A 178 -5.42 -27.14 8.63
CA LYS A 178 -5.97 -27.93 7.54
C LYS A 178 -7.13 -28.80 8.06
N SER A 179 -7.01 -29.24 9.31
CA SER A 179 -8.06 -30.04 9.94
C SER A 179 -9.40 -29.31 10.02
N ARG A 180 -9.37 -28.03 10.37
CA ARG A 180 -10.59 -27.23 10.47
C ARG A 180 -11.29 -27.07 9.12
N TRP A 181 -10.49 -26.94 8.07
CA TRP A 181 -11.05 -26.78 6.74
C TRP A 181 -11.67 -28.10 6.29
N GLN A 182 -10.92 -29.18 6.49
CA GLN A 182 -11.33 -30.51 6.01
C GLN A 182 -12.52 -31.10 6.77
N GLN A 183 -12.70 -30.70 8.02
CA GLN A 183 -13.79 -31.22 8.86
C GLN A 183 -15.16 -30.68 8.46
N GLY A 184 -15.17 -29.74 7.52
CA GLY A 184 -16.41 -29.19 7.00
C GLY A 184 -16.79 -27.86 7.61
N ASN A 185 -15.91 -27.27 8.42
CA ASN A 185 -16.14 -25.93 8.96
C ASN A 185 -16.41 -24.89 7.88
N VAL A 186 -17.37 -24.03 8.16
CA VAL A 186 -17.73 -22.94 7.25
C VAL A 186 -17.24 -21.60 7.78
N PHE A 187 -16.59 -20.84 6.91
CA PHE A 187 -16.03 -19.56 7.31
C PHE A 187 -16.71 -18.43 6.57
N SER A 188 -16.61 -17.22 7.14
CA SER A 188 -17.30 -16.08 6.56
C SER A 188 -16.39 -14.88 6.40
N CYS A 189 -16.47 -14.28 5.22
CA CYS A 189 -15.77 -13.03 4.96
C CYS A 189 -16.85 -11.94 4.98
N SER A 190 -16.82 -11.10 5.99
CA SER A 190 -17.81 -10.04 6.09
C SER A 190 -17.13 -8.77 5.61
N VAL A 191 -17.90 -7.90 4.95
CA VAL A 191 -17.31 -6.76 4.26
C VAL A 191 -18.10 -5.50 4.54
N MET A 192 -17.40 -4.41 4.83
CA MET A 192 -18.10 -3.15 5.05
C MET A 192 -17.76 -2.11 4.03
N HIS A 193 -18.78 -1.65 3.32
CA HIS A 193 -18.64 -0.56 2.37
C HIS A 193 -19.91 0.31 2.25
N GLU A 194 -19.72 1.61 2.01
CA GLU A 194 -20.87 2.50 1.85
C GLU A 194 -21.86 2.11 0.76
N ALA A 195 -21.42 1.38 -0.26
CA ALA A 195 -22.28 1.03 -1.36
C ALA A 195 -22.96 -0.35 -1.23
N LEU A 196 -22.97 -0.88 -0.01
CA LEU A 196 -23.62 -2.16 0.25
C LEU A 196 -24.94 -1.89 0.93
N HIS A 197 -25.88 -2.80 0.76
CA HIS A 197 -27.13 -2.73 1.49
C HIS A 197 -26.83 -2.92 2.97
N ASN A 198 -27.33 -2.01 3.81
CA ASN A 198 -27.02 -2.02 5.24
C ASN A 198 -25.52 -1.83 5.50
N HIS A 199 -24.83 -1.34 4.47
CA HIS A 199 -23.38 -1.09 4.48
C HIS A 199 -22.55 -2.32 4.75
N ALA A 200 -23.15 -3.48 4.50
CA ALA A 200 -22.54 -4.74 4.90
C ALA A 200 -22.89 -5.91 3.99
N THR A 201 -21.97 -6.88 3.91
CA THR A 201 -22.24 -8.18 3.32
C THR A 201 -21.23 -9.20 3.81
N GLN A 202 -21.59 -10.46 3.72
CA GLN A 202 -20.77 -11.55 4.17
C GLN A 202 -20.78 -12.61 3.07
N LYS A 203 -19.66 -13.28 2.86
CA LYS A 203 -19.68 -14.45 2.00
C LYS A 203 -19.17 -15.69 2.73
N SER A 204 -19.83 -16.79 2.48
CA SER A 204 -19.53 -18.03 3.16
C SER A 204 -18.57 -18.79 2.28
N LEU A 205 -17.72 -19.59 2.91
CA LEU A 205 -16.75 -20.42 2.21
C LEU A 205 -16.60 -21.71 2.99
N SER A 206 -17.03 -22.81 2.39
CA SER A 206 -16.96 -24.10 3.07
C SER A 206 -16.47 -25.19 2.13
N LEU A 207 -16.21 -26.36 2.70
CA LEU A 207 -15.80 -27.50 1.90
C LEU A 207 -16.94 -28.50 1.77
N SER A 208 -17.25 -28.90 0.55
CA SER A 208 -18.32 -29.87 0.31
C SER A 208 -18.05 -30.75 -0.91
N GLY B 1 15.95 24.77 2.34
CA GLY B 1 16.37 23.46 2.80
C GLY B 1 16.12 22.35 1.79
N PRO B 2 17.17 21.62 1.39
CA PRO B 2 17.13 20.53 0.42
C PRO B 2 17.08 19.13 1.07
N SER B 3 16.58 18.13 0.33
CA SER B 3 16.36 16.79 0.88
C SER B 3 16.78 15.66 -0.06
N VAL B 4 17.21 14.52 0.51
CA VAL B 4 17.65 13.37 -0.28
C VAL B 4 16.78 12.12 -0.06
N PHE B 5 16.58 11.33 -1.12
CA PHE B 5 15.85 10.06 -1.03
C PHE B 5 16.56 8.95 -1.82
N LEU B 6 17.06 7.92 -1.12
CA LEU B 6 17.84 6.86 -1.77
C LEU B 6 16.97 5.70 -2.26
N PHE B 7 17.17 5.29 -3.51
CA PHE B 7 16.21 4.41 -4.15
C PHE B 7 16.76 3.11 -4.71
N PRO B 8 16.21 1.99 -4.24
CA PRO B 8 16.66 0.64 -4.58
C PRO B 8 16.30 0.26 -6.01
N PRO B 9 17.13 -0.57 -6.63
CA PRO B 9 16.88 -1.03 -7.99
C PRO B 9 15.58 -1.81 -8.08
N LYS B 10 15.16 -2.12 -9.31
CA LYS B 10 14.03 -3.01 -9.50
C LYS B 10 14.45 -4.43 -9.18
N PRO B 11 13.53 -5.17 -8.56
CA PRO B 11 13.63 -6.62 -8.39
C PRO B 11 14.08 -7.34 -9.65
N LYS B 12 13.27 -7.25 -10.69
CA LYS B 12 13.52 -7.89 -11.97
C LYS B 12 14.92 -7.53 -12.50
N ASP B 13 15.38 -6.33 -12.19
CA ASP B 13 16.67 -5.86 -12.70
C ASP B 13 17.88 -6.57 -12.11
N THR B 14 17.80 -6.89 -10.81
CA THR B 14 18.90 -7.56 -10.13
C THR B 14 18.82 -9.08 -10.28
N LEU B 15 17.71 -9.56 -10.84
CA LEU B 15 17.48 -11.00 -10.88
C LEU B 15 17.72 -11.50 -12.27
N MET B 16 17.82 -10.58 -13.21
CA MET B 16 18.06 -10.93 -14.60
C MET B 16 19.38 -10.37 -15.09
N ILE B 17 20.25 -11.29 -15.46
CA ILE B 17 21.63 -11.00 -15.79
C ILE B 17 21.74 -10.08 -17.01
N SER B 18 20.72 -10.16 -17.85
CA SER B 18 20.53 -9.29 -19.02
C SER B 18 20.38 -7.79 -18.70
N ARG B 19 19.88 -7.46 -17.50
CA ARG B 19 19.49 -6.08 -17.20
C ARG B 19 20.51 -5.33 -16.35
N THR B 20 20.24 -4.05 -16.09
CA THR B 20 21.19 -3.20 -15.39
C THR B 20 20.53 -2.54 -14.15
N PRO B 21 20.69 -3.16 -12.97
CA PRO B 21 20.09 -2.68 -11.72
C PRO B 21 20.72 -1.38 -11.24
N GLU B 22 19.92 -0.45 -10.76
CA GLU B 22 20.48 0.85 -10.43
C GLU B 22 19.92 1.52 -9.17
N VAL B 23 20.86 2.10 -8.41
CA VAL B 23 20.54 2.86 -7.22
C VAL B 23 20.35 4.31 -7.60
N THR B 24 19.18 4.86 -7.27
CA THR B 24 18.81 6.17 -7.71
C THR B 24 18.80 7.15 -6.53
N CYS B 25 19.87 7.94 -6.40
CA CYS B 25 19.94 8.98 -5.38
C CYS B 25 19.15 10.19 -5.87
N VAL B 26 18.26 10.72 -5.03
CA VAL B 26 17.33 11.76 -5.46
C VAL B 26 17.36 12.97 -4.54
N VAL B 27 17.66 14.11 -5.11
CA VAL B 27 17.62 15.39 -4.41
C VAL B 27 16.45 16.23 -4.93
N VAL B 28 15.58 16.66 -4.04
CA VAL B 28 14.47 17.54 -4.40
C VAL B 28 14.59 18.90 -3.70
N ASP B 29 13.96 19.92 -4.29
CA ASP B 29 14.02 21.30 -3.79
C ASP B 29 15.43 21.91 -3.77
N VAL B 30 16.11 21.88 -4.92
CA VAL B 30 17.37 22.61 -5.10
C VAL B 30 17.04 23.93 -5.80
N SER B 31 16.86 24.99 -5.00
CA SER B 31 16.39 26.27 -5.53
C SER B 31 17.40 26.96 -6.43
N HIS B 32 17.00 28.13 -6.92
CA HIS B 32 17.83 28.89 -7.84
C HIS B 32 18.82 29.70 -7.01
N GLU B 33 18.55 29.81 -5.72
CA GLU B 33 19.42 30.55 -4.80
C GLU B 33 20.73 29.81 -4.55
N ASP B 34 20.74 28.52 -4.89
CA ASP B 34 21.94 27.69 -4.84
C ASP B 34 21.73 26.38 -5.59
N PRO B 35 21.79 26.43 -6.94
CA PRO B 35 21.44 25.29 -7.78
C PRO B 35 22.56 24.25 -8.06
N GLU B 36 23.80 24.53 -7.64
CA GLU B 36 24.89 23.56 -7.86
C GLU B 36 25.00 22.52 -6.74
N VAL B 37 25.00 21.24 -7.12
CA VAL B 37 25.17 20.13 -6.17
C VAL B 37 26.28 19.14 -6.62
N LYS B 38 26.53 18.11 -5.81
CA LYS B 38 27.59 17.13 -6.08
C LYS B 38 27.18 15.77 -5.52
N PHE B 39 27.86 14.71 -5.97
CA PHE B 39 27.58 13.35 -5.49
C PHE B 39 28.85 12.53 -5.29
N ASN B 40 28.99 11.95 -4.10
CA ASN B 40 29.99 10.91 -3.86
C ASN B 40 29.24 9.60 -3.66
N TRP B 41 29.86 8.48 -4.02
CA TRP B 41 29.21 7.17 -3.91
C TRP B 41 30.09 6.14 -3.21
N TYR B 42 29.48 5.30 -2.38
CA TYR B 42 30.24 4.35 -1.56
C TYR B 42 29.63 2.96 -1.50
N VAL B 43 30.49 1.95 -1.61
CA VAL B 43 30.10 0.55 -1.56
C VAL B 43 30.86 -0.14 -0.44
N ASP B 44 30.22 -0.25 0.72
CA ASP B 44 30.87 -0.69 1.96
C ASP B 44 31.93 0.32 2.36
N GLY B 45 31.65 1.59 2.04
CA GLY B 45 32.58 2.66 2.33
C GLY B 45 33.53 2.98 1.19
N VAL B 46 33.86 1.98 0.38
CA VAL B 46 34.79 2.19 -0.74
C VAL B 46 34.19 3.19 -1.74
N GLU B 47 34.99 4.17 -2.13
CA GLU B 47 34.49 5.19 -3.04
C GLU B 47 34.50 4.63 -4.46
N VAL B 48 33.36 4.71 -5.14
CA VAL B 48 33.30 4.26 -6.52
C VAL B 48 33.12 5.44 -7.45
N HIS B 49 33.40 5.20 -8.72
CA HIS B 49 33.49 6.28 -9.68
C HIS B 49 32.87 5.89 -11.02
N ASN B 50 31.90 4.98 -10.99
CA ASN B 50 31.18 4.57 -12.20
C ASN B 50 29.75 5.10 -12.20
N ALA B 51 29.62 6.35 -11.80
CA ALA B 51 28.34 6.94 -11.42
C ALA B 51 27.94 8.08 -12.33
N LYS B 52 26.84 7.88 -13.05
CA LYS B 52 26.34 8.88 -13.97
C LYS B 52 25.41 9.86 -13.25
N THR B 53 25.80 11.12 -13.20
CA THR B 53 24.95 12.16 -12.61
C THR B 53 24.11 12.86 -13.68
N LYS B 54 22.92 12.34 -13.95
CA LYS B 54 22.10 12.86 -15.03
C LYS B 54 21.32 14.10 -14.63
N PRO B 55 21.50 15.19 -15.39
CA PRO B 55 20.86 16.48 -15.11
C PRO B 55 19.50 16.56 -15.81
N ARG B 56 18.58 17.45 -15.40
CA ARG B 56 18.56 18.17 -14.12
C ARG B 56 17.11 18.64 -13.98
N GLU B 57 16.19 17.68 -14.04
CA GLU B 57 14.75 17.91 -14.22
C GLU B 57 14.18 19.20 -13.59
N GLU B 58 13.44 19.95 -14.39
CA GLU B 58 12.74 21.13 -13.89
C GLU B 58 11.41 20.69 -13.26
N GLN B 59 10.73 21.60 -12.57
CA GLN B 59 9.51 21.23 -11.87
C GLN B 59 8.46 22.35 -11.94
N TYR B 60 7.19 21.97 -11.86
CA TYR B 60 6.06 22.89 -11.97
C TYR B 60 6.05 24.00 -10.89
N ASN B 61 5.97 23.59 -9.63
CA ASN B 61 5.82 24.53 -8.51
C ASN B 61 7.06 25.35 -8.14
N SER B 62 7.89 25.66 -9.14
CA SER B 62 9.16 26.36 -8.93
C SER B 62 10.13 25.63 -8.00
N THR B 63 10.50 24.43 -8.38
CA THR B 63 11.57 23.69 -7.72
C THR B 63 12.41 23.02 -8.80
N TYR B 64 13.48 22.35 -8.38
CA TYR B 64 14.32 21.61 -9.31
C TYR B 64 14.52 20.18 -8.83
N ARG B 65 15.54 19.50 -9.38
CA ARG B 65 15.78 18.10 -9.05
C ARG B 65 17.04 17.55 -9.73
N VAL B 66 18.05 17.25 -8.93
CA VAL B 66 19.30 16.71 -9.46
C VAL B 66 19.52 15.26 -9.01
N VAL B 67 19.53 14.34 -9.98
CA VAL B 67 19.55 12.91 -9.67
C VAL B 67 20.81 12.19 -10.14
N SER B 68 21.44 11.47 -9.22
CA SER B 68 22.55 10.62 -9.61
C SER B 68 22.07 9.18 -9.72
N VAL B 69 22.82 8.38 -10.47
CA VAL B 69 22.44 7.02 -10.78
C VAL B 69 23.69 6.16 -10.81
N LEU B 70 23.69 5.11 -9.99
CA LEU B 70 24.81 4.22 -9.93
C LEU B 70 24.38 2.85 -10.42
N THR B 71 25.10 2.33 -11.39
CA THR B 71 24.89 0.95 -11.81
C THR B 71 25.54 0.03 -10.76
N VAL B 72 25.01 -1.18 -10.60
CA VAL B 72 25.48 -2.07 -9.54
C VAL B 72 25.53 -3.52 -10.00
N LEU B 73 26.41 -4.30 -9.38
CA LEU B 73 26.52 -5.71 -9.72
C LEU B 73 25.41 -6.49 -9.06
N HIS B 74 24.81 -7.40 -9.83
CA HIS B 74 23.68 -8.17 -9.35
C HIS B 74 24.02 -8.89 -8.06
N GLN B 75 25.19 -9.52 -8.03
CA GLN B 75 25.60 -10.27 -6.84
C GLN B 75 26.33 -9.42 -5.79
N ASP B 76 26.38 -8.12 -6.02
CA ASP B 76 26.89 -7.21 -5.00
C ASP B 76 25.71 -6.61 -4.28
N TRP B 77 24.60 -6.46 -4.99
CA TRP B 77 23.35 -6.07 -4.37
C TRP B 77 22.75 -7.25 -3.60
N LEU B 78 22.79 -8.43 -4.22
CA LEU B 78 22.17 -9.62 -3.65
C LEU B 78 22.92 -10.12 -2.44
N ASN B 79 24.23 -9.89 -2.42
CA ASN B 79 25.03 -10.20 -1.25
C ASN B 79 24.77 -9.23 -0.10
N GLY B 80 24.30 -8.04 -0.44
CA GLY B 80 23.71 -7.16 0.54
C GLY B 80 24.55 -5.94 0.85
N LYS B 81 25.59 -5.73 0.04
CA LYS B 81 26.45 -4.56 0.17
C LYS B 81 25.63 -3.29 0.32
N GLU B 82 26.06 -2.45 1.26
CA GLU B 82 25.39 -1.19 1.51
C GLU B 82 25.89 -0.15 0.52
N TYR B 83 24.94 0.56 -0.07
CA TYR B 83 25.26 1.62 -1.01
C TYR B 83 24.99 2.97 -0.37
N LYS B 84 26.06 3.71 -0.12
CA LYS B 84 25.99 5.00 0.52
C LYS B 84 26.07 6.10 -0.53
N CYS B 85 25.30 7.16 -0.34
CA CYS B 85 25.29 8.27 -1.27
C CYS B 85 25.63 9.57 -0.55
N LYS B 86 26.89 9.99 -0.65
CA LYS B 86 27.29 11.29 -0.10
C LYS B 86 26.96 12.44 -1.06
N VAL B 87 25.99 13.25 -0.67
CA VAL B 87 25.60 14.42 -1.42
C VAL B 87 26.34 15.65 -0.87
N SER B 88 26.73 16.57 -1.75
CA SER B 88 27.45 17.78 -1.34
C SER B 88 26.82 19.03 -1.97
N ASN B 89 26.94 20.15 -1.29
CA ASN B 89 26.35 21.41 -1.75
C ASN B 89 27.04 22.56 -1.04
N LYS B 90 26.81 23.78 -1.51
CA LYS B 90 27.27 24.97 -0.83
C LYS B 90 26.15 25.50 0.07
N ALA B 91 24.92 25.07 -0.22
CA ALA B 91 23.74 25.43 0.57
C ALA B 91 23.61 24.53 1.80
N LEU B 92 24.57 23.63 1.97
CA LEU B 92 24.61 22.73 3.12
C LEU B 92 26.04 22.65 3.63
N PRO B 93 26.30 23.26 4.79
CA PRO B 93 27.64 23.32 5.41
C PRO B 93 28.18 21.95 5.83
N ALA B 94 27.29 20.96 5.91
CA ALA B 94 27.69 19.58 6.14
C ALA B 94 27.07 18.67 5.07
N PRO B 95 27.82 17.65 4.64
CA PRO B 95 27.31 16.73 3.62
C PRO B 95 26.12 15.90 4.14
N ILE B 96 25.07 15.78 3.34
CA ILE B 96 23.98 14.84 3.63
C ILE B 96 24.30 13.46 3.07
N GLU B 97 24.30 12.46 3.94
CA GLU B 97 24.52 11.09 3.49
C GLU B 97 23.21 10.31 3.63
N LYS B 98 23.02 9.35 2.74
CA LYS B 98 21.87 8.45 2.78
C LYS B 98 22.34 7.08 2.30
N THR B 99 22.00 6.04 3.05
CA THR B 99 22.50 4.70 2.79
C THR B 99 21.35 3.70 2.63
N ILE B 100 21.54 2.73 1.74
CA ILE B 100 20.55 1.70 1.51
C ILE B 100 21.26 0.37 1.31
N SER B 101 20.50 -0.72 1.42
CA SER B 101 20.99 -2.05 1.07
C SER B 101 19.78 -2.94 0.85
N LYS B 102 20.01 -4.15 0.37
CA LYS B 102 18.90 -5.09 0.34
C LYS B 102 18.49 -5.44 1.76
N ALA B 103 17.20 -5.71 1.94
CA ALA B 103 16.69 -6.21 3.21
C ALA B 103 17.50 -7.41 3.73
N LYS B 104 18.23 -7.22 4.84
CA LYS B 104 18.98 -8.29 5.46
C LYS B 104 18.00 -9.37 5.94
N GLY B 105 18.48 -10.59 6.14
CA GLY B 105 17.57 -11.67 6.50
C GLY B 105 17.66 -12.86 5.56
N GLN B 106 17.21 -14.01 6.02
CA GLN B 106 17.32 -15.24 5.24
C GLN B 106 16.23 -15.29 4.19
N PRO B 107 16.64 -15.34 2.91
CA PRO B 107 15.67 -15.39 1.81
C PRO B 107 14.81 -16.64 1.80
N ARG B 108 13.52 -16.40 1.73
CA ARG B 108 12.57 -17.47 1.80
C ARG B 108 11.96 -17.51 0.44
N GLU B 109 11.82 -18.70 -0.10
CA GLU B 109 11.27 -18.85 -1.44
C GLU B 109 9.76 -18.81 -1.39
N PRO B 110 9.17 -18.18 -2.42
CA PRO B 110 7.72 -18.02 -2.61
C PRO B 110 7.05 -19.35 -2.86
N GLN B 111 5.83 -19.49 -2.38
CA GLN B 111 4.95 -20.57 -2.79
C GLN B 111 3.91 -19.89 -3.64
N VAL B 112 3.50 -20.55 -4.71
CA VAL B 112 2.67 -19.95 -5.74
C VAL B 112 1.42 -20.78 -6.01
N TYR B 113 0.28 -20.33 -5.53
CA TYR B 113 -0.96 -21.05 -5.78
C TYR B 113 -1.86 -20.23 -6.70
N THR B 114 -2.14 -20.76 -7.89
CA THR B 114 -3.10 -20.14 -8.77
C THR B 114 -4.48 -20.62 -8.37
N LEU B 115 -5.48 -19.79 -8.65
CA LEU B 115 -6.81 -19.99 -8.12
C LEU B 115 -7.87 -19.72 -9.19
N PRO B 116 -8.75 -20.71 -9.44
CA PRO B 116 -9.82 -20.58 -10.42
C PRO B 116 -10.84 -19.48 -10.04
N PRO B 117 -11.65 -19.05 -11.01
CA PRO B 117 -12.63 -18.01 -10.69
C PRO B 117 -13.75 -18.59 -9.83
N SER B 118 -14.40 -17.72 -9.06
CA SER B 118 -15.56 -18.14 -8.26
C SER B 118 -16.72 -18.60 -9.14
N ARG B 119 -17.43 -19.62 -8.68
CA ARG B 119 -18.65 -20.05 -9.35
C ARG B 119 -19.58 -18.84 -9.50
N ASP B 120 -19.62 -18.02 -8.46
CA ASP B 120 -20.46 -16.82 -8.46
C ASP B 120 -20.05 -15.78 -9.51
N GLU B 121 -18.86 -15.89 -10.08
CA GLU B 121 -18.44 -14.84 -11.00
C GLU B 121 -18.73 -15.17 -12.45
N LEU B 122 -19.11 -16.42 -12.72
CA LEU B 122 -19.30 -16.86 -14.09
C LEU B 122 -20.55 -16.19 -14.68
N THR B 123 -21.33 -15.55 -13.82
CA THR B 123 -22.45 -14.74 -14.28
C THR B 123 -21.98 -13.65 -15.24
N LYS B 124 -20.87 -12.98 -14.89
CA LYS B 124 -20.33 -11.87 -15.67
C LYS B 124 -19.67 -12.31 -16.98
N ASN B 125 -19.27 -11.33 -17.79
CA ASN B 125 -18.62 -11.57 -19.08
C ASN B 125 -17.10 -11.75 -18.94
N GLN B 126 -16.48 -10.93 -18.09
CA GLN B 126 -15.09 -11.15 -17.67
C GLN B 126 -15.03 -11.94 -16.36
N VAL B 127 -13.82 -12.40 -16.02
CA VAL B 127 -13.65 -13.42 -14.99
C VAL B 127 -12.24 -13.30 -14.40
N SER B 128 -12.10 -13.56 -13.11
CA SER B 128 -10.84 -13.27 -12.42
C SER B 128 -9.98 -14.52 -12.15
N LEU B 129 -8.70 -14.42 -12.47
CA LEU B 129 -7.76 -15.49 -12.21
C LEU B 129 -6.87 -15.01 -11.09
N THR B 130 -6.72 -15.84 -10.05
CA THR B 130 -6.06 -15.37 -8.86
C THR B 130 -4.76 -16.09 -8.62
N CYS B 131 -3.75 -15.31 -8.27
CA CYS B 131 -2.44 -15.86 -8.00
C CYS B 131 -2.00 -15.55 -6.57
N LEU B 132 -1.95 -16.59 -5.75
CA LEU B 132 -1.39 -16.46 -4.43
C LEU B 132 0.13 -16.66 -4.48
N VAL B 133 0.85 -15.66 -3.99
CA VAL B 133 2.28 -15.76 -3.82
C VAL B 133 2.58 -15.46 -2.36
N LYS B 134 2.88 -16.51 -1.59
CA LYS B 134 3.07 -16.38 -0.14
C LYS B 134 4.39 -16.98 0.37
N GLY B 135 4.82 -16.52 1.55
CA GLY B 135 5.97 -17.06 2.23
C GLY B 135 7.35 -16.62 1.76
N PHE B 136 7.45 -15.49 1.10
CA PHE B 136 8.73 -15.05 0.58
C PHE B 136 9.36 -13.96 1.41
N TYR B 137 10.68 -13.89 1.32
CA TYR B 137 11.49 -12.85 1.93
C TYR B 137 12.80 -12.73 1.12
N PRO B 138 13.28 -11.51 0.87
CA PRO B 138 12.70 -10.20 1.21
C PRO B 138 11.48 -9.94 0.36
N SER B 139 10.87 -8.76 0.50
CA SER B 139 9.64 -8.47 -0.20
C SER B 139 9.86 -8.19 -1.69
N ASP B 140 11.10 -7.91 -2.10
CA ASP B 140 11.42 -7.65 -3.53
C ASP B 140 10.97 -8.77 -4.47
N ILE B 141 10.09 -8.47 -5.41
CA ILE B 141 9.49 -9.55 -6.19
C ILE B 141 8.80 -9.06 -7.48
N ALA B 142 8.56 -10.00 -8.39
CA ALA B 142 7.97 -9.66 -9.66
C ALA B 142 6.99 -10.74 -10.09
N VAL B 143 5.78 -10.31 -10.41
CA VAL B 143 4.79 -11.23 -10.96
C VAL B 143 4.36 -10.72 -12.32
N GLU B 144 3.98 -11.64 -13.19
CA GLU B 144 3.48 -11.32 -14.52
C GLU B 144 2.58 -12.45 -14.91
N TRP B 145 1.52 -12.11 -15.63
CA TRP B 145 0.68 -13.12 -16.20
C TRP B 145 0.97 -13.32 -17.67
N GLU B 146 0.77 -14.54 -18.13
CA GLU B 146 0.93 -14.85 -19.53
C GLU B 146 -0.02 -15.96 -20.02
N SER B 147 -0.11 -16.11 -21.33
CA SER B 147 -0.86 -17.20 -21.94
C SER B 147 -0.21 -17.50 -23.25
N ASN B 148 0.15 -18.77 -23.47
CA ASN B 148 0.76 -19.17 -24.73
C ASN B 148 1.97 -18.31 -25.06
N GLY B 149 2.82 -18.06 -24.07
CA GLY B 149 4.08 -17.38 -24.28
C GLY B 149 4.01 -15.87 -24.33
N GLN B 150 2.84 -15.33 -24.61
CA GLN B 150 2.70 -13.87 -24.69
C GLN B 150 2.21 -13.33 -23.35
N PRO B 151 2.51 -12.05 -23.05
CA PRO B 151 2.02 -11.44 -21.80
C PRO B 151 0.51 -11.21 -21.84
N GLU B 152 -0.07 -11.10 -20.66
CA GLU B 152 -1.45 -10.72 -20.50
C GLU B 152 -1.41 -9.27 -20.13
N ASN B 153 -2.48 -8.54 -20.43
CA ASN B 153 -2.41 -7.13 -20.16
C ASN B 153 -3.26 -6.70 -18.99
N ASN B 154 -4.51 -7.08 -19.02
CA ASN B 154 -5.41 -6.77 -17.92
C ASN B 154 -5.12 -7.63 -16.67
N TYR B 155 -3.92 -7.46 -16.09
CA TYR B 155 -3.67 -8.00 -14.76
C TYR B 155 -3.24 -6.87 -13.80
N LYS B 156 -3.61 -6.99 -12.54
CA LYS B 156 -3.11 -6.05 -11.53
C LYS B 156 -2.65 -6.81 -10.31
N THR B 157 -1.68 -6.23 -9.62
CA THR B 157 -0.94 -6.90 -8.55
C THR B 157 -0.87 -6.06 -7.24
N THR B 158 -1.31 -6.64 -6.13
CA THR B 158 -1.19 -5.96 -4.82
C THR B 158 0.27 -5.80 -4.41
N PRO B 159 0.53 -4.81 -3.55
CA PRO B 159 1.89 -4.73 -3.01
C PRO B 159 2.08 -5.89 -2.04
N PRO B 160 3.31 -6.12 -1.60
CA PRO B 160 3.45 -7.31 -0.76
C PRO B 160 3.11 -6.94 0.68
N VAL B 161 2.39 -7.82 1.36
CA VAL B 161 1.97 -7.52 2.71
C VAL B 161 2.77 -8.35 3.68
N LEU B 162 3.28 -7.72 4.73
CA LEU B 162 3.88 -8.45 5.85
C LEU B 162 2.89 -9.41 6.53
N ASP B 163 3.16 -10.69 6.41
CA ASP B 163 2.30 -11.72 6.95
C ASP B 163 2.69 -11.99 8.41
N SER B 164 1.97 -12.91 9.05
CA SER B 164 2.11 -13.13 10.50
C SER B 164 3.44 -13.76 10.92
N ASP B 165 3.89 -14.78 10.17
CA ASP B 165 5.17 -15.45 10.47
C ASP B 165 6.40 -14.55 10.27
N GLY B 166 6.23 -13.46 9.53
CA GLY B 166 7.34 -12.59 9.23
C GLY B 166 7.83 -12.65 7.78
N SER B 167 7.18 -13.49 6.97
CA SER B 167 7.40 -13.46 5.51
C SER B 167 6.41 -12.51 4.82
N PHE B 168 6.31 -12.61 3.49
CA PHE B 168 5.33 -11.79 2.75
C PHE B 168 4.41 -12.60 1.88
N PHE B 169 3.26 -12.01 1.58
CA PHE B 169 2.38 -12.51 0.53
C PHE B 169 1.88 -11.36 -0.31
N LEU B 170 1.30 -11.71 -1.44
CA LEU B 170 0.65 -10.75 -2.32
C LEU B 170 -0.25 -11.58 -3.17
N TYR B 171 -1.22 -10.92 -3.80
CA TYR B 171 -2.04 -11.59 -4.82
C TYR B 171 -1.95 -10.91 -6.17
N SER B 172 -2.22 -11.68 -7.21
CA SER B 172 -2.40 -11.11 -8.55
C SER B 172 -3.74 -11.50 -9.12
N LYS B 173 -4.31 -10.58 -9.85
CA LYS B 173 -5.61 -10.78 -10.44
C LYS B 173 -5.46 -10.46 -11.90
N LEU B 174 -5.59 -11.50 -12.71
CA LEU B 174 -5.66 -11.36 -14.16
C LEU B 174 -7.14 -11.40 -14.49
N THR B 175 -7.56 -10.47 -15.32
CA THR B 175 -8.93 -10.43 -15.78
C THR B 175 -8.94 -10.79 -17.26
N VAL B 176 -9.70 -11.84 -17.59
CA VAL B 176 -9.86 -12.28 -18.97
C VAL B 176 -11.34 -12.58 -19.25
N ASP B 177 -11.75 -12.50 -20.52
CA ASP B 177 -13.11 -12.87 -20.90
C ASP B 177 -13.47 -14.30 -20.53
N LYS B 178 -14.67 -14.48 -19.99
CA LYS B 178 -15.17 -15.78 -19.62
C LYS B 178 -15.03 -16.74 -20.78
N SER B 179 -15.07 -16.18 -21.99
CA SER B 179 -14.92 -16.95 -23.21
C SER B 179 -13.53 -17.60 -23.35
N ARG B 180 -12.47 -16.90 -22.96
CA ARG B 180 -11.12 -17.50 -23.07
C ARG B 180 -10.92 -18.57 -22.01
N TRP B 181 -11.56 -18.40 -20.86
CA TRP B 181 -11.41 -19.33 -19.75
C TRP B 181 -12.14 -20.63 -20.04
N GLN B 182 -13.41 -20.50 -20.38
CA GLN B 182 -14.23 -21.65 -20.75
C GLN B 182 -13.71 -22.39 -22.00
N GLN B 183 -13.07 -21.69 -22.92
CA GLN B 183 -12.56 -22.31 -24.13
C GLN B 183 -11.44 -23.30 -23.79
N GLY B 184 -10.82 -23.11 -22.63
CA GLY B 184 -9.80 -24.03 -22.15
C GLY B 184 -8.39 -23.53 -22.29
N ASN B 185 -8.25 -22.24 -22.61
CA ASN B 185 -6.95 -21.59 -22.62
C ASN B 185 -6.26 -21.83 -21.29
N VAL B 186 -4.94 -21.93 -21.33
CA VAL B 186 -4.17 -22.15 -20.13
C VAL B 186 -3.38 -20.87 -19.83
N PHE B 187 -3.32 -20.50 -18.56
CA PHE B 187 -2.69 -19.25 -18.17
C PHE B 187 -1.57 -19.51 -17.17
N SER B 188 -0.66 -18.56 -17.06
CA SER B 188 0.44 -18.73 -16.14
C SER B 188 0.69 -17.49 -15.31
N CYS B 189 0.79 -17.70 -14.02
CA CYS B 189 1.36 -16.73 -13.13
C CYS B 189 2.86 -16.97 -13.20
N SER B 190 3.61 -15.90 -13.42
CA SER B 190 5.04 -16.05 -13.53
C SER B 190 5.68 -15.18 -12.43
N VAL B 191 6.52 -15.79 -11.59
CA VAL B 191 7.11 -15.10 -10.43
C VAL B 191 8.64 -15.02 -10.40
N MET B 192 9.17 -13.81 -10.31
CA MET B 192 10.60 -13.64 -10.20
C MET B 192 11.02 -13.19 -8.80
N HIS B 193 11.93 -13.95 -8.21
CA HIS B 193 12.38 -13.75 -6.84
C HIS B 193 13.74 -14.39 -6.59
N GLU B 194 14.48 -13.86 -5.61
CA GLU B 194 15.88 -14.24 -5.44
C GLU B 194 16.09 -15.62 -4.86
N ALA B 195 15.08 -16.16 -4.21
CA ALA B 195 15.25 -17.45 -3.55
C ALA B 195 14.56 -18.52 -4.37
N LEU B 196 14.27 -18.21 -5.63
CA LEU B 196 13.75 -19.20 -6.54
C LEU B 196 14.92 -19.83 -7.31
N HIS B 197 14.80 -21.10 -7.64
CA HIS B 197 15.80 -21.68 -8.50
C HIS B 197 15.72 -20.95 -9.85
N ASN B 198 16.88 -20.54 -10.37
CA ASN B 198 16.97 -19.71 -11.58
C ASN B 198 16.18 -18.39 -11.50
N HIS B 199 15.90 -17.99 -10.26
CA HIS B 199 15.30 -16.70 -9.93
C HIS B 199 13.88 -16.56 -10.45
N ALA B 200 13.28 -17.67 -10.85
CA ALA B 200 11.95 -17.56 -11.41
C ALA B 200 11.22 -18.88 -11.42
N THR B 201 9.90 -18.79 -11.38
CA THR B 201 9.05 -19.96 -11.45
C THR B 201 7.72 -19.58 -12.06
N GLN B 202 6.95 -20.59 -12.48
CA GLN B 202 5.75 -20.34 -13.23
C GLN B 202 4.73 -21.39 -12.86
N LYS B 203 3.52 -20.93 -12.50
CA LYS B 203 2.42 -21.86 -12.24
C LYS B 203 1.29 -21.70 -13.25
N SER B 204 0.68 -22.83 -13.62
CA SER B 204 -0.30 -22.89 -14.70
C SER B 204 -1.72 -22.81 -14.17
N LEU B 205 -2.64 -22.39 -15.02
CA LEU B 205 -4.04 -22.22 -14.62
C LEU B 205 -4.91 -22.42 -15.85
N SER B 206 -5.80 -23.38 -15.77
CA SER B 206 -6.53 -23.80 -16.94
C SER B 206 -7.78 -24.51 -16.50
N LEU B 207 -8.92 -24.13 -17.05
CA LEU B 207 -10.11 -24.92 -16.77
C LEU B 207 -10.04 -26.20 -17.57
N SER B 208 -9.82 -27.32 -16.91
CA SER B 208 -9.72 -28.61 -17.59
C SER B 208 -11.11 -29.10 -18.01
C1 NAG C . 8.15 16.58 18.54
C2 NAG C . 8.53 16.59 17.05
C3 NAG C . 7.31 16.46 16.12
C4 NAG C . 6.48 15.25 16.53
C5 NAG C . 6.18 15.23 18.04
C6 NAG C . 5.66 13.86 18.42
C7 NAG C . 10.63 17.74 16.50
C8 NAG C . 11.15 18.71 15.48
N2 NAG C . 9.32 17.79 16.79
O3 NAG C . 7.71 16.36 14.78
O4 NAG C . 5.25 15.20 15.83
O5 NAG C . 7.30 15.50 18.87
O6 NAG C . 6.75 12.98 18.62
O7 NAG C . 11.37 16.93 17.05
C1 NAG C . 5.29 14.48 14.58
C2 NAG C . 4.01 13.65 14.48
C3 NAG C . 3.80 12.97 13.14
C4 NAG C . 4.07 13.93 11.98
C5 NAG C . 5.34 14.75 12.20
C6 NAG C . 5.48 15.82 11.11
C7 NAG C . 2.99 12.85 16.48
C8 NAG C . 2.82 11.78 17.52
N2 NAG C . 3.96 12.69 15.56
O3 NAG C . 2.46 12.52 13.08
O4 NAG C . 4.20 13.25 10.74
O5 NAG C . 5.35 15.37 13.47
O6 NAG C . 6.59 16.65 11.35
O7 NAG C . 2.27 13.85 16.49
C1 BMA C . 2.94 12.96 10.11
C2 BMA C . 3.16 12.97 8.60
C3 BMA C . 1.99 12.37 7.81
C4 BMA C . 1.47 11.10 8.46
C5 BMA C . 1.19 11.32 9.94
C6 BMA C . 0.72 10.03 10.58
O2 BMA C . 4.34 12.23 8.35
O3 BMA C . 2.39 12.05 6.51
O4 BMA C . 0.30 10.68 7.80
O5 BMA C . 2.40 11.72 10.56
O6 BMA C . 0.63 10.24 11.98
C1 MAN C . 1.99 13.04 5.55
C2 MAN C . 2.02 12.33 4.20
C3 MAN C . 3.40 11.78 3.95
C4 MAN C . 4.29 13.02 3.90
C5 MAN C . 4.22 13.72 5.27
C6 MAN C . 5.18 14.91 5.41
O2 MAN C . 1.69 13.21 3.13
O3 MAN C . 3.42 11.02 2.76
O4 MAN C . 5.60 12.66 3.53
O5 MAN C . 2.88 14.14 5.53
O6 MAN C . 4.64 15.81 6.35
C1 NAG C . 0.26 13.21 3.06
C2 NAG C . -0.26 14.50 2.43
C3 NAG C . -1.76 14.41 2.09
C4 NAG C . -2.23 13.02 1.64
C5 NAG C . -1.60 11.89 2.45
C6 NAG C . -2.01 10.54 1.88
C7 NAG C . 1.12 16.33 3.37
C8 NAG C . 0.98 17.80 3.64
N2 NAG C . -0.01 15.61 3.34
O3 NAG C . -2.07 15.32 1.06
O4 NAG C . -3.62 12.92 1.76
O5 NAG C . -0.20 12.05 2.40
O6 NAG C . -0.84 9.79 1.58
O7 NAG C . 2.24 15.85 3.20
C1 MAN C . -0.27 9.28 12.55
C2 MAN C . -0.59 9.71 13.99
C3 MAN C . 0.70 9.70 14.81
C4 MAN C . 1.35 8.31 14.70
C5 MAN C . 1.61 8.08 13.21
C6 MAN C . 2.46 6.86 12.84
O2 MAN C . -1.58 8.93 14.68
O3 MAN C . 0.39 10.05 16.14
O4 MAN C . 2.57 8.25 15.44
O5 MAN C . 0.36 8.01 12.54
O6 MAN C . 2.91 7.06 11.52
C1 NAG C . -2.92 9.11 14.12
C2 NAG C . -3.55 7.75 13.84
C3 NAG C . -5.05 7.81 13.50
C4 NAG C . -5.86 8.94 14.17
C5 NAG C . -5.01 10.19 14.42
C6 NAG C . -5.74 11.17 15.34
C7 NAG C . -1.96 6.09 13.01
C8 NAG C . -1.29 5.53 11.78
N2 NAG C . -2.83 7.07 12.78
O3 NAG C . -5.60 6.56 13.87
O4 NAG C . -7.01 9.29 13.40
O5 NAG C . -3.76 9.84 14.98
O6 NAG C . -5.13 11.22 16.61
O7 NAG C . -1.70 5.66 14.15
C1 FUC C . 6.28 12.00 19.56
C2 FUC C . 7.10 10.73 19.46
C3 FUC C . 8.53 11.02 19.87
C4 FUC C . 8.55 11.74 21.21
C5 FUC C . 7.59 12.93 21.27
C6 FUC C . 7.46 13.37 22.72
O2 FUC C . 7.03 10.25 18.13
O3 FUC C . 9.23 9.81 19.99
O4 FUC C . 8.21 10.86 22.26
O5 FUC C . 6.31 12.50 20.87
C1 NAG D . 8.17 19.58 -5.32
C2 NAG D . 7.07 19.33 -4.30
C3 NAG D . 7.07 17.88 -3.84
C4 NAG D . 6.86 17.03 -5.08
C5 NAG D . 7.84 17.33 -6.21
C6 NAG D . 7.38 16.64 -7.50
C7 NAG D . 6.16 21.10 -2.91
C8 NAG D . 4.75 20.62 -3.13
N2 NAG D . 7.15 20.25 -3.17
O3 NAG D . 6.02 17.68 -2.91
O4 NAG D . 6.76 15.60 -4.98
O5 NAG D . 8.06 18.73 -6.45
O6 NAG D . 6.44 17.36 -8.28
O7 NAG D . 6.37 22.24 -2.50
C1 NAG D . 7.22 14.82 -3.84
C2 NAG D . 8.00 13.63 -4.34
C3 NAG D . 7.73 12.54 -3.30
C4 NAG D . 8.09 13.03 -1.88
C5 NAG D . 7.88 14.55 -1.66
C6 NAG D . 8.78 15.14 -0.58
C7 NAG D . 8.37 13.52 -6.75
C8 NAG D . 7.81 13.09 -8.08
N2 NAG D . 7.60 13.26 -5.68
O3 NAG D . 8.46 11.37 -3.63
O4 NAG D . 7.31 12.31 -0.96
O5 NAG D . 8.04 15.34 -2.83
O6 NAG D . 8.35 16.45 -0.30
O7 NAG D . 9.47 14.07 -6.66
C1 BMA D . 8.06 11.18 -0.44
C2 BMA D . 7.43 10.55 0.79
C3 BMA D . 8.44 9.55 1.35
C4 BMA D . 8.97 8.57 0.30
C5 BMA D . 9.40 9.44 -0.88
C6 BMA D . 10.09 8.68 -2.00
O2 BMA D . 6.23 9.88 0.45
O3 BMA D . 7.89 8.84 2.44
O4 BMA D . 10.06 7.81 0.81
O5 BMA D . 8.29 10.15 -1.38
O6 BMA D . 9.35 7.54 -2.33
C1 MAN D . 8.77 9.05 3.55
C2 MAN D . 8.14 8.48 4.82
C3 MAN D . 7.01 9.38 5.30
C4 MAN D . 7.60 10.75 5.60
C5 MAN D . 8.24 11.30 4.32
C6 MAN D . 8.85 12.68 4.57
O2 MAN D . 9.13 8.32 5.81
O3 MAN D . 6.38 8.82 6.44
O4 MAN D . 6.58 11.62 6.04
O5 MAN D . 9.21 10.39 3.78
O6 MAN D . 8.59 13.51 3.45
C1 NAG D . 10.12 7.38 5.35
C2 NAG D . 11.55 7.90 5.48
C3 NAG D . 12.51 6.87 4.85
C4 NAG D . 12.24 5.46 5.39
C5 NAG D . 10.75 5.10 5.43
C6 NAG D . 10.47 3.82 6.21
C7 NAG D . 11.86 10.33 5.57
C8 NAG D . 11.51 10.29 7.03
N2 NAG D . 11.73 9.20 4.87
O3 NAG D . 13.83 7.26 5.13
O4 NAG D . 12.91 4.51 4.58
O5 NAG D . 9.99 6.14 6.02
O6 NAG D . 9.07 3.61 6.30
O7 NAG D . 12.26 11.39 5.08
C1 FUC D . 5.06 17.02 -7.99
C2 FUC D . 4.39 18.13 -7.14
C3 FUC D . 2.88 18.06 -7.08
C4 FUC D . 2.26 17.49 -8.36
C5 FUC D . 3.27 17.51 -9.51
C6 FUC D . 2.65 17.11 -10.84
O2 FUC D . 4.83 19.42 -7.52
O3 FUC D . 2.53 17.28 -5.95
O4 FUC D . 1.76 16.18 -8.15
O5 FUC D . 4.33 16.65 -9.16
C1 BMA E . 8.79 7.47 -5.27
C2 BMA E . 9.53 8.36 -6.28
C3 BMA E . 8.66 9.58 -6.63
C4 BMA E . 7.14 9.35 -6.53
C5 BMA E . 6.85 8.49 -5.29
C6 BMA E . 5.38 8.31 -4.92
O2 BMA E . 10.01 7.77 -7.50
O3 BMA E . 8.96 9.95 -7.96
O4 BMA E . 6.45 10.57 -6.43
O5 BMA E . 7.45 7.24 -5.52
O6 BMA E . 5.37 7.77 -3.60
C1 NAG E . 10.67 6.46 -7.49
C2 NAG E . 9.84 5.40 -8.20
C3 NAG E . 10.55 4.04 -8.10
C4 NAG E . 11.95 4.10 -8.70
C5 NAG E . 12.71 5.32 -8.18
C6 NAG E . 13.98 5.47 -9.02
C7 NAG E . 7.40 5.93 -8.19
C8 NAG E . 7.52 6.70 -9.48
N2 NAG E . 8.48 5.31 -7.67
O3 NAG E . 9.81 3.04 -8.76
O4 NAG E . 12.69 2.93 -8.40
O5 NAG E . 11.93 6.52 -8.15
O6 NAG E . 14.34 6.83 -9.15
O7 NAG E . 6.31 5.89 -7.63
#